data_5H6X
#
_entry.id   5H6X
#
_cell.length_a   37.910
_cell.length_b   68.905
_cell.length_c   70.357
_cell.angle_alpha   90.00
_cell.angle_beta   90.00
_cell.angle_gamma   90.00
#
_symmetry.space_group_name_H-M   'P 21 21 21'
#
loop_
_entity.id
_entity.type
_entity.pdbx_description
1 polymer 'RNA polymerase sigma factor RpoS'
2 non-polymer 'SODIUM ION'
3 non-polymer GLYCEROL
4 water water
#
_entity_poly.entity_id   1
_entity_poly.type   'polypeptide(L)'
_entity_poly.pdbx_seq_one_letter_code
;EIGFSPLLTAEEEIHYATLALKGDMEARKKMIESNLRLVVKIARRYLNRGLPLLDLIEEGNLGLMKSVEKFDPKRGFRFS
TYATWWIRQTIERAIMNQTR
;
_entity_poly.pdbx_strand_id   A,B
#
loop_
_chem_comp.id
_chem_comp.type
_chem_comp.name
_chem_comp.formula
GOL non-polymer GLYCEROL 'C3 H8 O3'
NA non-polymer 'SODIUM ION' 'Na 1'
#
# COMPACT_ATOMS: atom_id res chain seq x y z
N LEU A 7 8.62 4.31 19.91
CA LEU A 7 7.74 5.20 19.09
C LEU A 7 8.51 6.43 18.63
N LEU A 8 8.41 6.70 17.34
CA LEU A 8 9.16 7.79 16.74
C LEU A 8 8.33 9.06 16.69
N THR A 9 8.94 10.18 17.03
CA THR A 9 8.30 11.47 16.82
C THR A 9 8.19 11.71 15.33
N ALA A 10 7.37 12.65 14.92
CA ALA A 10 7.29 12.99 13.51
C ALA A 10 8.62 13.44 13.00
N GLU A 11 9.35 14.21 13.79
CA GLU A 11 10.65 14.69 13.40
C GLU A 11 11.63 13.54 13.24
N GLU A 12 11.65 12.64 14.19
CA GLU A 12 12.54 11.47 14.08
C GLU A 12 12.19 10.60 12.89
N GLU A 13 10.91 10.39 12.69
CA GLU A 13 10.47 9.52 11.61
C GLU A 13 10.89 10.05 10.27
N ILE A 14 10.73 11.35 10.06
CA ILE A 14 11.14 11.91 8.78
C ILE A 14 12.65 11.87 8.57
N HIS A 15 13.39 12.06 9.65
CA HIS A 15 14.83 11.96 9.59
C HIS A 15 15.29 10.58 9.17
N TYR A 16 14.79 9.57 9.88
CA TYR A 16 15.14 8.20 9.52
C TYR A 16 14.64 7.85 8.14
N ALA A 17 13.45 8.32 7.77
CA ALA A 17 12.89 7.99 6.47
C ALA A 17 13.73 8.54 5.33
N THR A 18 14.25 9.74 5.52
CA THR A 18 15.08 10.35 4.49
C THR A 18 16.35 9.53 4.29
N LEU A 19 16.96 9.12 5.38
CA LEU A 19 18.13 8.24 5.32
C LEU A 19 17.82 6.86 4.74
N ALA A 20 16.71 6.29 5.15
CA ALA A 20 16.32 4.96 4.70
C ALA A 20 16.12 4.93 3.19
N LEU A 21 15.55 6.01 2.67
CA LEU A 21 15.25 6.14 1.26
C LEU A 21 16.53 6.09 0.42
N LYS A 22 17.62 6.54 1.04
CA LYS A 22 18.95 6.54 0.43
C LYS A 22 19.74 5.27 0.72
N GLY A 23 19.11 4.28 1.33
CA GLY A 23 19.75 3.00 1.58
C GLY A 23 20.39 2.77 2.94
N ASP A 24 20.15 3.66 3.90
CA ASP A 24 20.78 3.55 5.22
C ASP A 24 20.09 2.45 6.03
N MET A 25 20.79 1.36 6.26
CA MET A 25 20.21 0.20 6.92
C MET A 25 19.89 0.43 8.37
N GLU A 26 20.69 1.23 9.07
CA GLU A 26 20.36 1.51 10.46
C GLU A 26 19.07 2.29 10.58
N ALA A 27 18.86 3.25 9.70
CA ALA A 27 17.58 3.98 9.68
C ALA A 27 16.42 3.05 9.35
N ARG A 28 16.61 2.17 8.38
CA ARG A 28 15.59 1.18 8.04
C ARG A 28 15.28 0.30 9.25
N LYS A 29 16.30 -0.14 9.96
CA LYS A 29 16.10 -0.93 11.15
C LYS A 29 15.30 -0.17 12.23
N LYS A 30 15.62 1.09 12.44
CA LYS A 30 14.89 1.90 13.41
C LYS A 30 13.40 1.98 13.04
N MET A 31 13.12 2.16 11.75
CA MET A 31 11.74 2.27 11.32
C MET A 31 10.98 0.97 11.52
N ILE A 32 11.59 -0.14 11.16
CA ILE A 32 10.96 -1.44 11.32
C ILE A 32 10.76 -1.73 12.79
N GLU A 33 11.75 -1.49 13.63
CA GLU A 33 11.59 -1.85 15.05
CA GLU A 33 11.59 -1.89 15.03
C GLU A 33 10.43 -1.11 15.74
N SER A 34 10.22 0.14 15.32
CA SER A 34 9.11 0.95 15.84
CA SER A 34 9.11 0.95 15.85
C SER A 34 7.70 0.49 15.38
N ASN A 35 7.63 -0.41 14.42
CA ASN A 35 6.38 -0.90 13.88
C ASN A 35 6.16 -2.39 13.88
N LEU A 36 6.93 -3.11 14.69
CA LEU A 36 6.77 -4.54 14.76
C LEU A 36 5.40 -4.90 15.28
N ARG A 37 4.89 -4.13 16.24
CA ARG A 37 3.58 -4.38 16.77
C ARG A 37 2.46 -4.23 15.79
N LEU A 38 2.66 -3.33 14.86
CA LEU A 38 1.69 -3.10 13.83
C LEU A 38 1.42 -4.37 13.05
N VAL A 39 2.46 -5.15 12.78
CA VAL A 39 2.26 -6.37 12.02
C VAL A 39 1.33 -7.36 12.69
N VAL A 40 1.56 -7.58 13.99
CA VAL A 40 0.73 -8.56 14.70
C VAL A 40 -0.71 -8.05 14.77
N LYS A 41 -0.88 -6.76 15.03
CA LYS A 41 -2.22 -6.19 15.09
C LYS A 41 -2.98 -6.34 13.79
N ILE A 42 -2.31 -6.08 12.68
CA ILE A 42 -2.94 -6.27 11.39
C ILE A 42 -3.17 -7.74 11.09
N ALA A 43 -2.18 -8.56 11.38
CA ALA A 43 -2.29 -9.99 11.11
C ALA A 43 -3.50 -10.60 11.79
N ARG A 44 -3.78 -10.16 13.00
CA ARG A 44 -4.92 -10.72 13.73
C ARG A 44 -6.22 -10.51 13.00
N ARG A 45 -6.31 -9.45 12.21
CA ARG A 45 -7.54 -9.14 11.49
C ARG A 45 -7.82 -10.10 10.33
N TYR A 46 -6.82 -10.87 9.94
CA TYR A 46 -6.93 -11.80 8.83
C TYR A 46 -6.95 -13.25 9.27
N LEU A 47 -7.27 -13.50 10.53
CA LEU A 47 -7.35 -14.87 11.03
C LEU A 47 -8.53 -15.58 10.44
N ASN A 48 -8.43 -16.90 10.40
CA ASN A 48 -9.53 -17.73 9.97
C ASN A 48 -9.79 -17.57 8.49
N ARG A 49 -8.75 -17.27 7.74
CA ARG A 49 -8.86 -17.19 6.29
C ARG A 49 -8.00 -18.24 5.61
N GLY A 50 -7.55 -19.22 6.38
CA GLY A 50 -6.73 -20.30 5.87
C GLY A 50 -5.27 -20.31 6.28
N LEU A 51 -4.79 -19.20 6.82
CA LEU A 51 -3.42 -19.13 7.31
C LEU A 51 -3.40 -18.93 8.82
N PRO A 52 -2.57 -19.71 9.50
CA PRO A 52 -2.41 -19.55 10.93
C PRO A 52 -1.66 -18.26 11.25
N LEU A 53 -1.74 -17.80 12.50
CA LEU A 53 -1.24 -16.49 12.85
C LEU A 53 0.23 -16.32 12.56
N LEU A 54 1.03 -17.33 12.85
CA LEU A 54 2.45 -17.20 12.60
C LEU A 54 2.78 -16.99 11.14
N ASP A 55 2.01 -17.61 10.26
CA ASP A 55 2.18 -17.42 8.84
C ASP A 55 1.72 -16.02 8.41
N LEU A 56 0.64 -15.53 8.99
CA LEU A 56 0.17 -14.16 8.71
C LEU A 56 1.22 -13.15 9.18
N ILE A 57 1.83 -13.38 10.33
CA ILE A 57 2.90 -12.50 10.79
C ILE A 57 4.08 -12.54 9.84
N GLU A 58 4.45 -13.73 9.38
CA GLU A 58 5.57 -13.84 8.47
C GLU A 58 5.32 -13.07 7.19
N GLU A 59 4.14 -13.24 6.63
CA GLU A 59 3.82 -12.49 5.41
C GLU A 59 3.70 -11.02 5.64
N GLY A 60 3.13 -10.62 6.78
CA GLY A 60 3.08 -9.22 7.13
C GLY A 60 4.44 -8.61 7.30
N ASN A 61 5.36 -9.39 7.85
CA ASN A 61 6.73 -8.92 8.04
C ASN A 61 7.39 -8.64 6.71
N LEU A 62 7.06 -9.41 5.69
CA LEU A 62 7.60 -9.16 4.37
C LEU A 62 7.19 -7.78 3.89
N GLY A 63 5.94 -7.41 4.10
CA GLY A 63 5.49 -6.08 3.76
C GLY A 63 6.14 -4.96 4.56
N LEU A 64 6.29 -5.17 5.86
CA LEU A 64 6.95 -4.14 6.66
C LEU A 64 8.37 -3.91 6.18
N MET A 65 9.08 -4.99 5.91
CA MET A 65 10.44 -4.82 5.37
C MET A 65 10.46 -4.09 4.03
N LYS A 66 9.54 -4.43 3.13
CA LYS A 66 9.46 -3.79 1.84
C LYS A 66 9.11 -2.32 2.02
N SER A 67 8.33 -1.98 3.02
CA SER A 67 7.83 -0.61 3.20
C SER A 67 8.95 0.38 3.51
N VAL A 68 10.11 -0.08 3.98
CA VAL A 68 11.22 0.84 4.24
C VAL A 68 12.17 0.97 3.07
N GLU A 69 11.92 0.25 1.99
CA GLU A 69 12.80 0.35 0.84
C GLU A 69 12.57 1.60 0.00
N LYS A 70 11.32 2.03 -0.10
CA LYS A 70 11.01 3.22 -0.87
C LYS A 70 9.88 4.06 -0.30
N PHE A 71 9.92 4.32 1.00
CA PHE A 71 8.94 5.19 1.64
C PHE A 71 9.37 6.62 1.48
N ASP A 72 8.56 7.42 0.81
CA ASP A 72 8.90 8.82 0.59
C ASP A 72 7.96 9.73 1.34
N PRO A 73 8.46 10.39 2.38
CA PRO A 73 7.61 11.28 3.18
C PRO A 73 6.99 12.41 2.37
N LYS A 74 7.60 12.74 1.24
CA LYS A 74 7.07 13.79 0.37
C LYS A 74 5.74 13.40 -0.27
N ARG A 75 5.42 12.11 -0.30
CA ARG A 75 4.13 11.67 -0.82
C ARG A 75 3.01 12.09 0.13
N GLY A 76 3.34 12.53 1.34
CA GLY A 76 2.36 13.08 2.27
C GLY A 76 1.74 12.17 3.31
N PHE A 77 2.17 10.92 3.36
CA PHE A 77 1.64 9.98 4.31
C PHE A 77 2.69 9.63 5.35
N ARG A 78 2.26 9.40 6.58
CA ARG A 78 3.16 8.95 7.64
C ARG A 78 3.58 7.52 7.42
N PHE A 79 4.71 7.14 8.02
CA PHE A 79 5.25 5.81 7.79
C PHE A 79 4.30 4.74 8.27
N SER A 80 3.66 4.87 9.41
CA SER A 80 2.79 3.77 9.91
CA SER A 80 2.82 3.74 9.90
C SER A 80 1.63 3.46 8.95
N THR A 81 1.20 4.52 8.28
CA THR A 81 0.21 4.42 7.21
C THR A 81 0.72 3.63 6.03
N TYR A 82 1.84 4.03 5.47
CA TYR A 82 2.41 3.34 4.33
C TYR A 82 2.76 1.91 4.70
N ALA A 83 3.30 1.70 5.90
CA ALA A 83 3.59 0.35 6.38
C ALA A 83 2.33 -0.47 6.53
N THR A 84 1.28 0.12 7.04
CA THR A 84 0.01 -0.61 7.13
C THR A 84 -0.44 -1.09 5.77
N TRP A 85 -0.33 -0.25 4.75
CA TRP A 85 -0.78 -0.66 3.44
C TRP A 85 0.03 -1.86 2.96
N TRP A 86 1.32 -1.78 3.13
CA TRP A 86 2.20 -2.86 2.67
C TRP A 86 1.96 -4.15 3.41
N ILE A 87 1.77 -4.09 4.73
CA ILE A 87 1.53 -5.27 5.51
C ILE A 87 0.23 -5.92 5.09
N ARG A 88 -0.80 -5.12 4.87
CA ARG A 88 -2.05 -5.69 4.36
C ARG A 88 -1.84 -6.33 2.99
N GLN A 89 -1.09 -5.65 2.13
CA GLN A 89 -0.88 -6.17 0.76
C GLN A 89 -0.17 -7.50 0.72
N THR A 90 0.90 -7.66 1.51
CA THR A 90 1.60 -8.95 1.50
C THR A 90 0.78 -10.06 2.15
N ILE A 91 -0.01 -9.75 3.16
CA ILE A 91 -0.95 -10.70 3.71
C ILE A 91 -2.01 -11.08 2.69
N GLU A 92 -2.59 -10.10 2.05
CA GLU A 92 -3.63 -10.39 1.07
C GLU A 92 -3.11 -11.17 -0.09
N ARG A 93 -1.90 -10.87 -0.52
CA ARG A 93 -1.22 -11.64 -1.55
C ARG A 93 -1.07 -13.10 -1.12
N ALA A 94 -0.65 -13.33 0.10
CA ALA A 94 -0.47 -14.69 0.60
C ALA A 94 -1.79 -15.44 0.62
N ILE A 95 -2.86 -14.77 1.01
CA ILE A 95 -4.17 -15.41 1.01
C ILE A 95 -4.60 -15.73 -0.43
N MET A 96 -4.31 -14.85 -1.38
CA MET A 96 -4.61 -15.12 -2.80
C MET A 96 -3.86 -16.34 -3.26
N ASN A 97 -2.64 -16.52 -2.77
CA ASN A 97 -1.80 -17.61 -3.26
C ASN A 97 -2.28 -18.98 -2.79
N GLN A 98 -3.21 -19.01 -1.85
CA GLN A 98 -3.83 -20.26 -1.43
CA GLN A 98 -3.82 -20.28 -1.46
C GLN A 98 -4.74 -20.82 -2.53
N THR A 99 -5.09 -19.98 -3.50
CA THR A 99 -5.86 -20.39 -4.69
C THR A 99 -4.90 -20.46 -5.91
N ARG A 100 -4.71 -21.63 -6.50
CA ARG A 100 -3.65 -21.79 -7.54
C ARG A 100 -4.16 -21.99 -8.96
N GLY B 3 -10.42 -7.77 8.00
CA GLY B 3 -9.14 -7.00 7.70
C GLY B 3 -9.01 -6.54 6.26
N PHE B 4 -9.71 -7.25 5.39
CA PHE B 4 -9.86 -6.85 4.00
C PHE B 4 -10.66 -5.56 3.98
N SER B 5 -10.49 -4.78 2.91
CA SER B 5 -11.30 -3.59 2.75
C SER B 5 -12.71 -3.94 2.33
N PRO B 6 -13.70 -3.39 3.03
CA PRO B 6 -15.06 -3.42 2.48
C PRO B 6 -15.10 -2.70 1.15
N LEU B 7 -16.04 -3.03 0.30
CA LEU B 7 -16.16 -2.33 -0.95
C LEU B 7 -16.84 -0.98 -0.64
N LEU B 8 -16.36 0.08 -1.27
CA LEU B 8 -17.03 1.36 -1.12
C LEU B 8 -18.29 1.31 -1.94
N THR B 9 -19.36 1.84 -1.38
CA THR B 9 -20.57 2.04 -2.18
C THR B 9 -20.34 3.17 -3.15
N ALA B 10 -21.18 3.28 -4.16
CA ALA B 10 -21.05 4.34 -5.11
C ALA B 10 -21.17 5.70 -4.44
N GLU B 11 -22.09 5.81 -3.49
CA GLU B 11 -22.26 7.10 -2.82
C GLU B 11 -21.04 7.42 -1.96
N GLU B 12 -20.53 6.43 -1.25
CA GLU B 12 -19.37 6.65 -0.41
C GLU B 12 -18.21 7.09 -1.28
N GLU B 13 -18.02 6.44 -2.41
CA GLU B 13 -16.89 6.77 -3.27
C GLU B 13 -17.00 8.20 -3.81
N ILE B 14 -18.21 8.61 -4.21
CA ILE B 14 -18.38 9.98 -4.67
C ILE B 14 -18.03 10.96 -3.57
N HIS B 15 -18.44 10.67 -2.35
CA HIS B 15 -18.13 11.53 -1.19
CA HIS B 15 -18.14 11.56 -1.26
C HIS B 15 -16.62 11.73 -0.93
N TYR B 16 -15.96 10.59 -0.78
CA TYR B 16 -14.53 10.62 -0.49
C TYR B 16 -13.78 11.21 -1.67
N ALA B 17 -14.21 10.90 -2.88
CA ALA B 17 -13.52 11.46 -4.04
C ALA B 17 -13.65 12.94 -4.08
N THR B 18 -14.83 13.45 -3.71
CA THR B 18 -15.04 14.89 -3.75
C THR B 18 -14.11 15.57 -2.76
N LEU B 19 -13.99 15.00 -1.58
CA LEU B 19 -13.06 15.51 -0.57
C LEU B 19 -11.61 15.40 -1.01
N ALA B 20 -11.25 14.26 -1.59
CA ALA B 20 -9.87 13.98 -2.00
C ALA B 20 -9.44 14.98 -3.05
N LEU B 21 -10.37 15.32 -3.95
CA LEU B 21 -10.07 16.23 -5.06
C LEU B 21 -9.69 17.59 -4.52
N LYS B 22 -10.29 17.93 -3.38
CA LYS B 22 -10.02 19.20 -2.72
C LYS B 22 -8.82 19.15 -1.77
N GLY B 23 -8.12 18.03 -1.73
CA GLY B 23 -6.91 17.92 -0.92
C GLY B 23 -7.03 17.25 0.43
N ASP B 24 -8.17 16.62 0.72
CA ASP B 24 -8.39 16.03 2.03
C ASP B 24 -7.57 14.74 2.13
N MET B 25 -6.49 14.77 2.90
CA MET B 25 -5.60 13.62 2.98
C MET B 25 -6.24 12.42 3.60
N GLU B 26 -7.14 12.61 4.55
CA GLU B 26 -7.81 11.46 5.14
C GLU B 26 -8.70 10.77 4.14
N ALA B 27 -9.36 11.55 3.30
CA ALA B 27 -10.20 10.97 2.25
C ALA B 27 -9.33 10.24 1.23
N ARG B 28 -8.19 10.83 0.91
CA ARG B 28 -7.24 10.17 0.01
C ARG B 28 -6.79 8.86 0.61
N LYS B 29 -6.49 8.82 1.90
CA LYS B 29 -6.10 7.57 2.56
C LYS B 29 -7.17 6.53 2.51
N LYS B 30 -8.41 6.94 2.72
CA LYS B 30 -9.51 6.02 2.64
C LYS B 30 -9.63 5.38 1.27
N MET B 31 -9.43 6.18 0.22
CA MET B 31 -9.53 5.66 -1.12
C MET B 31 -8.38 4.69 -1.44
N ILE B 32 -7.19 5.04 -1.01
CA ILE B 32 -6.03 4.19 -1.22
C ILE B 32 -6.25 2.89 -0.48
N GLU B 33 -6.64 2.98 0.77
CA GLU B 33 -6.73 1.77 1.61
CA GLU B 33 -6.78 1.77 1.63
C GLU B 33 -7.82 0.77 1.11
N SER B 34 -8.87 1.33 0.50
CA SER B 34 -9.93 0.50 -0.09
CA SER B 34 -9.95 0.51 -0.11
C SER B 34 -9.56 -0.23 -1.41
N ASN B 35 -8.44 0.19 -1.97
CA ASN B 35 -8.00 -0.33 -3.25
C ASN B 35 -6.61 -0.94 -3.25
N LEU B 36 -6.09 -1.30 -2.08
CA LEU B 36 -4.80 -1.97 -2.01
C LEU B 36 -4.78 -3.30 -2.70
N ARG B 37 -5.87 -4.06 -2.59
CA ARG B 37 -5.96 -5.37 -3.26
CA ARG B 37 -5.98 -5.34 -3.27
C ARG B 37 -5.82 -5.29 -4.80
N LEU B 38 -6.33 -4.18 -5.32
CA LEU B 38 -6.31 -3.88 -6.72
C LEU B 38 -4.87 -3.84 -7.20
N VAL B 39 -4.00 -3.23 -6.44
CA VAL B 39 -2.59 -3.19 -6.84
C VAL B 39 -2.00 -4.56 -6.91
N VAL B 40 -2.29 -5.39 -5.92
CA VAL B 40 -1.74 -6.74 -5.87
C VAL B 40 -2.26 -7.56 -7.06
N LYS B 41 -3.55 -7.46 -7.32
CA LYS B 41 -4.12 -8.18 -8.47
C LYS B 41 -3.52 -7.78 -9.79
N ILE B 42 -3.39 -6.47 -9.99
CA ILE B 42 -2.77 -6.00 -11.23
C ILE B 42 -1.32 -6.37 -11.31
N ALA B 43 -0.59 -6.25 -10.21
CA ALA B 43 0.83 -6.59 -10.19
C ALA B 43 1.02 -8.03 -10.62
N ARG B 44 0.15 -8.92 -10.15
CA ARG B 44 0.24 -10.33 -10.50
C ARG B 44 0.06 -10.58 -11.99
N ARG B 45 -0.60 -9.69 -12.70
CA ARG B 45 -0.71 -9.85 -14.16
C ARG B 45 0.56 -9.49 -14.90
N TYR B 46 1.50 -8.84 -14.22
CA TYR B 46 2.69 -8.35 -14.86
C TYR B 46 3.94 -9.12 -14.48
N LEU B 47 3.76 -10.32 -13.97
CA LEU B 47 4.89 -11.13 -13.57
C LEU B 47 5.69 -11.60 -14.79
N ASN B 48 6.94 -11.92 -14.52
CA ASN B 48 7.85 -12.46 -15.53
C ASN B 48 8.17 -11.50 -16.67
N ARG B 49 8.15 -10.22 -16.36
CA ARG B 49 8.59 -9.19 -17.29
C ARG B 49 9.85 -8.52 -16.79
N GLY B 50 10.54 -9.18 -15.87
CA GLY B 50 11.82 -8.71 -15.36
C GLY B 50 11.82 -8.13 -13.97
N LEU B 51 10.64 -7.80 -13.45
CA LEU B 51 10.55 -7.31 -12.08
C LEU B 51 9.86 -8.31 -11.16
N PRO B 52 10.40 -8.47 -9.96
CA PRO B 52 9.80 -9.35 -8.98
C PRO B 52 8.51 -8.77 -8.44
N LEU B 53 7.64 -9.60 -7.91
CA LEU B 53 6.31 -9.13 -7.52
C LEU B 53 6.34 -7.98 -6.56
N LEU B 54 7.21 -8.04 -5.55
CA LEU B 54 7.23 -6.95 -4.58
C LEU B 54 7.60 -5.62 -5.23
N ASP B 55 8.46 -5.66 -6.23
CA ASP B 55 8.77 -4.45 -6.98
C ASP B 55 7.59 -3.98 -7.79
N LEU B 56 6.84 -4.89 -8.38
CA LEU B 56 5.64 -4.52 -9.12
C LEU B 56 4.60 -3.88 -8.18
N ILE B 57 4.45 -4.41 -7.00
CA ILE B 57 3.54 -3.80 -6.02
C ILE B 57 4.01 -2.40 -5.64
N GLU B 58 5.31 -2.27 -5.41
CA GLU B 58 5.86 -0.99 -5.03
C GLU B 58 5.61 0.06 -6.09
N GLU B 59 5.85 -0.28 -7.35
CA GLU B 59 5.58 0.65 -8.42
C GLU B 59 4.12 0.91 -8.65
N GLY B 60 3.31 -0.13 -8.49
CA GLY B 60 1.87 0.01 -8.63
C GLY B 60 1.31 0.94 -7.57
N ASN B 61 1.88 0.87 -6.36
CA ASN B 61 1.43 1.72 -5.28
C ASN B 61 1.68 3.19 -5.58
N LEU B 62 2.74 3.49 -6.33
CA LEU B 62 2.96 4.87 -6.78
C LEU B 62 1.82 5.36 -7.61
N GLY B 63 1.33 4.52 -8.51
CA GLY B 63 0.19 4.85 -9.30
C GLY B 63 -1.09 5.00 -8.50
N LEU B 64 -1.29 4.12 -7.54
CA LEU B 64 -2.46 4.25 -6.69
C LEU B 64 -2.44 5.53 -5.88
N MET B 65 -1.28 5.86 -5.34
CA MET B 65 -1.16 7.14 -4.61
C MET B 65 -1.40 8.33 -5.52
N LYS B 66 -0.88 8.31 -6.73
CA LYS B 66 -1.12 9.42 -7.66
C LYS B 66 -2.57 9.52 -8.05
N SER B 67 -3.24 8.37 -8.17
CA SER B 67 -4.60 8.33 -8.68
C SER B 67 -5.61 9.07 -7.78
N VAL B 68 -5.28 9.27 -6.52
CA VAL B 68 -6.20 9.97 -5.62
C VAL B 68 -5.95 11.45 -5.57
N GLU B 69 -5.00 11.95 -6.33
CA GLU B 69 -4.75 13.42 -6.32
C GLU B 69 -5.70 14.21 -7.19
N LYS B 70 -6.02 13.67 -8.36
CA LYS B 70 -6.90 14.34 -9.31
C LYS B 70 -7.91 13.40 -9.93
N PHE B 71 -8.51 12.53 -9.13
CA PHE B 71 -9.62 11.73 -9.61
C PHE B 71 -10.91 12.53 -9.55
N ASP B 72 -11.52 12.77 -10.71
CA ASP B 72 -12.75 13.54 -10.75
C ASP B 72 -13.91 12.66 -11.16
N PRO B 73 -14.84 12.42 -10.24
CA PRO B 73 -15.99 11.54 -10.49
C PRO B 73 -16.89 12.01 -11.63
N LYS B 74 -16.82 13.29 -11.95
CA LYS B 74 -17.68 13.88 -12.98
C LYS B 74 -17.39 13.35 -14.37
N ARG B 75 -16.18 12.85 -14.59
CA ARG B 75 -15.84 12.26 -15.89
C ARG B 75 -16.61 10.97 -16.14
N GLY B 76 -17.21 10.41 -15.10
CA GLY B 76 -18.05 9.26 -15.27
C GLY B 76 -17.45 7.89 -15.04
N PHE B 77 -16.18 7.83 -14.67
CA PHE B 77 -15.53 6.56 -14.41
C PHE B 77 -15.46 6.36 -12.90
N ARG B 78 -15.67 5.13 -12.48
CA ARG B 78 -15.51 4.75 -11.07
C ARG B 78 -14.04 4.81 -10.71
N PHE B 79 -13.75 4.93 -9.42
CA PHE B 79 -12.37 5.05 -8.99
C PHE B 79 -11.53 3.85 -9.32
N SER B 80 -12.08 2.66 -9.19
CA SER B 80 -11.27 1.47 -9.45
C SER B 80 -10.82 1.44 -10.90
N THR B 81 -11.64 1.98 -11.79
CA THR B 81 -11.23 2.13 -13.20
C THR B 81 -10.07 3.10 -13.38
N TYR B 82 -10.17 4.30 -12.81
CA TYR B 82 -9.12 5.30 -12.93
C TYR B 82 -7.85 4.80 -12.25
N ALA B 83 -7.98 4.21 -11.08
CA ALA B 83 -6.82 3.68 -10.38
C ALA B 83 -6.16 2.58 -11.17
N THR B 84 -6.95 1.72 -11.79
CA THR B 84 -6.41 0.65 -12.61
C THR B 84 -5.52 1.22 -13.69
N TRP B 85 -5.95 2.30 -14.34
CA TRP B 85 -5.13 2.86 -15.41
C TRP B 85 -3.80 3.31 -14.87
N TRP B 86 -3.83 4.02 -13.74
CA TRP B 86 -2.65 4.53 -13.14
C TRP B 86 -1.68 3.46 -12.69
N ILE B 87 -2.21 2.39 -12.10
CA ILE B 87 -1.39 1.30 -11.60
C ILE B 87 -0.72 0.62 -12.78
N ARG B 88 -1.46 0.41 -13.85
CA ARG B 88 -0.87 -0.19 -15.07
C ARG B 88 0.19 0.71 -15.63
N GLN B 89 -0.06 2.00 -15.67
CA GLN B 89 0.94 2.93 -16.21
C GLN B 89 2.22 2.96 -15.42
N THR B 90 2.15 3.03 -14.09
CA THR B 90 3.37 3.06 -13.29
C THR B 90 4.13 1.73 -13.31
N ILE B 91 3.41 0.63 -13.36
CA ILE B 91 4.07 -0.66 -13.50
C ILE B 91 4.74 -0.75 -14.88
N GLU B 92 4.01 -0.38 -15.92
CA GLU B 92 4.57 -0.48 -17.28
C GLU B 92 5.78 0.43 -17.43
N ARG B 93 5.72 1.61 -16.82
CA ARG B 93 6.83 2.55 -16.83
C ARG B 93 8.06 1.94 -16.17
N ALA B 94 7.86 1.29 -15.03
CA ALA B 94 8.93 0.61 -14.35
C ALA B 94 9.51 -0.55 -15.18
N ILE B 95 8.66 -1.32 -15.82
CA ILE B 95 9.17 -2.43 -16.65
C ILE B 95 9.99 -1.91 -17.83
N MET B 96 9.46 -0.90 -18.52
CA MET B 96 10.20 -0.27 -19.65
C MET B 96 11.53 0.31 -19.20
N ASN B 97 11.61 0.74 -17.96
CA ASN B 97 12.78 1.45 -17.49
C ASN B 97 13.85 0.64 -16.83
N GLN B 98 13.68 -0.67 -16.76
CA GLN B 98 14.61 -1.45 -15.96
C GLN B 98 15.95 -1.65 -16.66
NA NA C . -0.75 9.50 7.02
NA NA D . 7.85 16.21 16.04
C1 GOL E . -7.20 -23.21 -10.55
O1 GOL E . -8.31 -22.88 -9.74
C2 GOL E . -6.31 -21.98 -10.64
O2 GOL E . -5.64 -21.85 -9.37
C3 GOL E . -7.11 -20.71 -10.96
O3 GOL E . -7.50 -20.09 -9.71
#